data_9H9S
#
_entry.id   9H9S
#
_cell.length_a   159.950
_cell.length_b   159.950
_cell.length_c   159.950
_cell.angle_alpha   90.000
_cell.angle_beta   90.000
_cell.angle_gamma   90.000
#
_symmetry.space_group_name_H-M   'F 2 3'
#
loop_
_entity.id
_entity.type
_entity.pdbx_description
1 polymer Llp1
2 non-polymer 'SULFATE ION'
3 water water
#
_entity_poly.entity_id   1
_entity_poly.type   'polypeptide(L)'
_entity_poly.pdbx_seq_one_letter_code
;MGPLQCHMQAFNANIISVDAYSANDLSDKHAPLGASGYFADVTLTGKYHQDVFDARHWLTMRHSGTDCRNVKGTDSKVCN
IDYVENQPGNSCAQVTQRSHLLGWSSGKALDISATAPNAPVHFRASLAPSLQTWWTGLPNTCAVQRYNAPHNPYKIVTLT
ASGMHTWTKLVIMLDAPEPSFFKSWSCEYNDSLSPVVGNIQVSEDGKTYTLTNVKYQPILYSANEENKSLEHHHHHH
;
_entity_poly.pdbx_strand_id   A
#
# COMPACT_ATOMS: atom_id res chain seq x y z
N GLY A 2 13.79 11.40 -3.79
CA GLY A 2 13.06 10.36 -3.07
C GLY A 2 12.56 9.24 -3.97
N PRO A 3 11.87 8.27 -3.39
CA PRO A 3 11.29 7.18 -4.19
C PRO A 3 10.27 7.70 -5.19
N LEU A 4 9.91 6.83 -6.14
CA LEU A 4 8.92 7.18 -7.15
C LEU A 4 7.53 7.09 -6.55
N GLN A 5 6.71 8.12 -6.79
CA GLN A 5 5.31 8.13 -6.39
C GLN A 5 4.44 8.40 -7.61
N CYS A 6 3.46 7.54 -7.85
CA CYS A 6 2.46 7.76 -8.87
C CYS A 6 1.07 7.66 -8.24
N HIS A 7 0.12 8.38 -8.82
CA HIS A 7 -1.20 8.46 -8.20
C HIS A 7 -2.27 8.56 -9.28
N MET A 8 -3.46 8.10 -8.92
CA MET A 8 -4.69 8.41 -9.62
C MET A 8 -5.61 9.13 -8.64
N GLN A 9 -6.41 10.06 -9.17
CA GLN A 9 -7.16 10.98 -8.34
C GLN A 9 -8.60 11.07 -8.81
N ALA A 10 -9.54 10.86 -7.90
CA ALA A 10 -10.93 11.17 -8.15
C ALA A 10 -11.23 12.60 -7.68
N PHE A 11 -12.12 13.27 -8.41
CA PHE A 11 -12.41 14.66 -8.14
C PHE A 11 -13.77 14.88 -7.48
N ASN A 12 -14.85 14.38 -8.09
CA ASN A 12 -16.16 14.43 -7.46
C ASN A 12 -16.50 13.15 -6.70
N ALA A 13 -16.11 11.99 -7.22
CA ALA A 13 -16.34 10.75 -6.52
C ALA A 13 -15.31 10.56 -5.40
N ASN A 14 -15.61 9.63 -4.50
CA ASN A 14 -14.73 9.25 -3.41
C ASN A 14 -14.24 7.82 -3.61
N ILE A 15 -13.04 7.55 -3.13
CA ILE A 15 -12.53 6.17 -3.08
C ILE A 15 -13.13 5.48 -1.87
N ILE A 16 -13.77 4.34 -2.09
CA ILE A 16 -14.42 3.59 -1.02
C ILE A 16 -13.79 2.23 -0.77
N SER A 17 -12.91 1.76 -1.66
CA SER A 17 -12.24 0.49 -1.43
C SER A 17 -11.01 0.40 -2.31
N VAL A 18 -9.99 -0.26 -1.77
CA VAL A 18 -8.72 -0.49 -2.45
C VAL A 18 -8.27 -1.88 -2.06
N ASP A 19 -8.02 -2.75 -3.02
CA ASP A 19 -7.20 -3.92 -2.75
C ASP A 19 -5.93 -3.82 -3.58
N ALA A 20 -4.83 -4.21 -2.96
CA ALA A 20 -3.52 -4.18 -3.60
C ALA A 20 -2.82 -5.50 -3.34
N TYR A 21 -2.31 -6.10 -4.41
CA TYR A 21 -1.51 -7.31 -4.32
C TYR A 21 -0.07 -6.93 -4.63
N SER A 22 0.81 -7.06 -3.63
CA SER A 22 2.18 -6.60 -3.71
C SER A 22 3.11 -7.80 -3.82
N ALA A 23 3.83 -7.90 -4.94
CA ALA A 23 4.71 -9.04 -5.17
C ALA A 23 5.79 -9.14 -4.11
N ASN A 24 6.18 -10.38 -3.79
CA ASN A 24 7.24 -10.65 -2.81
C ASN A 24 8.58 -10.55 -3.53
N ASP A 25 9.01 -9.29 -3.75
CA ASP A 25 10.26 -9.06 -4.47
C ASP A 25 11.13 -8.00 -3.81
N LEU A 26 10.84 -7.61 -2.57
CA LEU A 26 11.56 -6.53 -1.92
C LEU A 26 12.71 -6.99 -1.03
N SER A 27 12.74 -8.26 -0.66
CA SER A 27 13.69 -8.77 0.31
C SER A 27 14.86 -9.46 -0.37
N ASP A 28 15.92 -9.68 0.40
CA ASP A 28 17.16 -10.27 -0.11
C ASP A 28 17.56 -11.43 0.79
N LYS A 29 17.42 -12.66 0.28
CA LYS A 29 17.77 -13.85 1.05
C LYS A 29 19.27 -13.97 1.28
N HIS A 30 20.08 -13.24 0.53
CA HIS A 30 21.53 -13.30 0.68
C HIS A 30 22.08 -12.20 1.59
N ALA A 31 21.22 -11.30 2.07
CA ALA A 31 21.65 -10.23 2.95
C ALA A 31 21.86 -10.77 4.37
N PRO A 32 22.71 -10.12 5.16
CA PRO A 32 22.87 -10.52 6.56
C PRO A 32 21.62 -10.23 7.38
N LEU A 33 21.50 -10.94 8.50
CA LEU A 33 20.39 -10.73 9.40
C LEU A 33 20.34 -9.27 9.88
N GLY A 34 19.14 -8.71 9.92
CA GLY A 34 18.96 -7.33 10.36
C GLY A 34 19.01 -6.30 9.26
N ALA A 35 19.47 -6.66 8.06
CA ALA A 35 19.51 -5.70 6.96
C ALA A 35 18.11 -5.44 6.43
N SER A 36 17.91 -4.24 5.90
CA SER A 36 16.65 -3.86 5.27
C SER A 36 16.75 -3.99 3.75
N GLY A 37 15.59 -4.14 3.13
CA GLY A 37 15.52 -4.15 1.69
C GLY A 37 14.73 -2.94 1.19
N TYR A 38 14.02 -3.11 0.08
CA TYR A 38 13.17 -2.05 -0.41
C TYR A 38 11.85 -2.05 0.35
N PHE A 39 11.05 -1.01 0.13
CA PHE A 39 9.70 -0.94 0.65
C PHE A 39 8.77 -0.44 -0.45
N ALA A 40 7.49 -0.76 -0.33
CA ALA A 40 6.48 -0.29 -1.27
C ALA A 40 5.20 0.02 -0.52
N ASP A 41 4.59 1.17 -0.83
CA ASP A 41 3.36 1.59 -0.19
C ASP A 41 2.22 1.77 -1.18
N VAL A 42 1.01 1.51 -0.70
CA VAL A 42 -0.22 1.98 -1.31
C VAL A 42 -0.90 2.89 -0.28
N THR A 43 -1.04 4.16 -0.63
CA THR A 43 -1.47 5.18 0.32
C THR A 43 -2.74 5.87 -0.15
N LEU A 44 -3.61 6.22 0.79
CA LEU A 44 -4.82 6.97 0.53
C LEU A 44 -4.73 8.34 1.19
N THR A 45 -5.14 9.39 0.45
CA THR A 45 -5.16 10.75 0.97
C THR A 45 -6.36 11.50 0.41
N GLY A 46 -6.60 12.68 0.97
CA GLY A 46 -7.70 13.54 0.56
C GLY A 46 -7.33 14.69 -0.35
N LYS A 47 -6.12 15.25 -0.16
CA LYS A 47 -5.60 16.32 -1.00
C LYS A 47 -4.37 15.86 -1.77
N TYR A 48 -4.10 16.56 -2.87
CA TYR A 48 -2.88 16.33 -3.62
C TYR A 48 -1.66 16.82 -2.86
N HIS A 49 -0.57 16.07 -2.97
CA HIS A 49 0.71 16.46 -2.39
C HIS A 49 1.80 15.90 -3.29
N GLN A 50 2.86 16.69 -3.46
CA GLN A 50 4.00 16.23 -4.24
C GLN A 50 4.63 15.00 -3.60
N ASP A 51 4.80 15.03 -2.28
CA ASP A 51 5.19 13.87 -1.48
C ASP A 51 3.96 13.52 -0.65
N VAL A 52 3.38 12.34 -0.92
CA VAL A 52 2.13 11.96 -0.27
C VAL A 52 2.26 11.96 1.24
N PHE A 53 3.46 11.69 1.75
CA PHE A 53 3.63 11.60 3.20
C PHE A 53 3.74 12.97 3.85
N ASP A 54 3.78 14.04 3.08
CA ASP A 54 3.62 15.39 3.62
C ASP A 54 2.19 15.68 4.05
N ALA A 55 1.22 14.84 3.68
CA ALA A 55 -0.17 15.12 3.97
C ALA A 55 -0.42 15.11 5.47
N ARG A 56 -1.32 15.99 5.92
CA ARG A 56 -1.64 16.04 7.35
C ARG A 56 -2.31 14.75 7.81
N HIS A 57 -3.00 14.07 6.90
CA HIS A 57 -3.66 12.79 7.21
C HIS A 57 -3.38 11.84 6.06
N TRP A 58 -2.79 10.69 6.36
CA TRP A 58 -2.64 9.66 5.34
C TRP A 58 -2.78 8.29 5.96
N LEU A 59 -3.20 7.33 5.13
CA LEU A 59 -3.37 5.94 5.52
C LEU A 59 -2.62 5.09 4.50
N THR A 60 -1.63 4.33 4.97
CA THR A 60 -0.77 3.60 4.05
C THR A 60 -0.78 2.11 4.36
N MET A 61 -0.58 1.32 3.32
CA MET A 61 -0.44 -0.12 3.43
C MET A 61 0.94 -0.45 2.88
N ARG A 62 1.88 -0.75 3.77
CA ARG A 62 3.30 -0.77 3.45
C ARG A 62 3.83 -2.20 3.46
N HIS A 63 4.56 -2.54 2.42
CA HIS A 63 5.25 -3.82 2.27
C HIS A 63 6.74 -3.55 2.38
N SER A 64 7.41 -4.20 3.34
CA SER A 64 8.83 -3.97 3.59
C SER A 64 9.61 -5.25 3.34
N GLY A 65 10.72 -5.14 2.63
CA GLY A 65 11.54 -6.29 2.29
C GLY A 65 12.50 -6.71 3.40
N THR A 66 11.98 -6.88 4.61
CA THR A 66 12.78 -7.33 5.72
C THR A 66 11.84 -7.86 6.80
N ASP A 67 12.39 -8.65 7.71
CA ASP A 67 11.62 -9.13 8.85
C ASP A 67 11.04 -7.95 9.62
N CYS A 68 9.83 -8.14 10.16
CA CYS A 68 9.18 -7.06 10.90
C CYS A 68 10.02 -6.60 12.08
N ARG A 69 10.86 -7.47 12.64
CA ARG A 69 11.73 -7.10 13.75
C ARG A 69 12.65 -5.95 13.40
N ASN A 70 12.94 -5.75 12.12
CA ASN A 70 13.81 -4.67 11.66
C ASN A 70 13.04 -3.45 11.21
N VAL A 71 11.72 -3.46 11.30
CA VAL A 71 10.88 -2.34 10.93
C VAL A 71 10.50 -1.61 12.21
N LYS A 72 10.91 -0.35 12.34
CA LYS A 72 10.62 0.39 13.55
C LYS A 72 9.12 0.66 13.68
N GLY A 73 8.62 0.60 14.90
CA GLY A 73 7.21 0.80 15.15
C GLY A 73 6.36 -0.45 15.07
N THR A 74 6.97 -1.63 14.96
CA THR A 74 6.22 -2.88 15.00
C THR A 74 6.28 -3.56 16.36
N ASP A 75 7.01 -2.98 17.32
CA ASP A 75 7.16 -3.60 18.62
C ASP A 75 5.79 -3.87 19.24
N SER A 76 5.56 -5.12 19.65
CA SER A 76 4.33 -5.62 20.24
C SER A 76 3.16 -5.60 19.27
N LYS A 77 3.41 -5.36 17.97
CA LYS A 77 2.35 -5.30 16.97
C LYS A 77 2.51 -6.34 15.87
N VAL A 78 3.54 -7.17 15.92
CA VAL A 78 3.71 -8.26 14.95
C VAL A 78 2.79 -9.39 15.42
N CYS A 79 1.59 -9.48 14.82
CA CYS A 79 0.57 -10.34 15.39
C CYS A 79 0.84 -11.83 15.17
N ASN A 80 1.74 -12.18 14.25
CA ASN A 80 2.13 -13.58 14.04
C ASN A 80 3.59 -13.79 14.37
N ILE A 81 4.12 -12.98 15.30
CA ILE A 81 5.53 -13.05 15.69
C ILE A 81 5.92 -14.47 16.14
N ASP A 82 5.00 -15.20 16.78
CA ASP A 82 5.34 -16.51 17.32
C ASP A 82 5.55 -17.58 16.26
N TYR A 83 5.15 -17.33 15.02
CA TYR A 83 5.17 -18.36 13.98
C TYR A 83 6.23 -18.13 12.91
N VAL A 84 7.01 -17.05 12.98
CA VAL A 84 7.97 -16.72 11.92
C VAL A 84 9.33 -16.42 12.56
N GLU A 85 10.27 -17.36 12.42
CA GLU A 85 11.62 -17.12 12.85
C GLU A 85 12.26 -16.00 12.05
N ASN A 86 13.01 -15.14 12.73
CA ASN A 86 13.78 -14.09 12.07
C ASN A 86 14.84 -14.71 11.18
N GLN A 87 14.87 -14.29 9.91
CA GLN A 87 15.63 -14.96 8.87
C GLN A 87 15.86 -13.99 7.72
N PRO A 88 17.00 -14.07 7.06
CA PRO A 88 17.22 -13.27 5.86
C PRO A 88 16.25 -13.66 4.76
N GLY A 89 15.72 -12.65 4.08
CA GLY A 89 14.73 -12.87 3.04
C GLY A 89 13.31 -12.74 3.52
N ASN A 90 13.09 -12.51 4.80
CA ASN A 90 11.75 -12.29 5.32
C ASN A 90 11.19 -10.96 4.82
N SER A 91 9.88 -10.81 4.91
CA SER A 91 9.18 -9.59 4.54
C SER A 91 8.18 -9.23 5.61
N CYS A 92 7.66 -8.01 5.52
CA CYS A 92 6.76 -7.45 6.52
C CYS A 92 5.66 -6.66 5.83
N ALA A 93 4.43 -6.79 6.33
CA ALA A 93 3.29 -6.04 5.83
C ALA A 93 2.58 -5.38 6.99
N GLN A 94 2.30 -4.08 6.86
CA GLN A 94 1.74 -3.34 7.98
C GLN A 94 0.98 -2.12 7.47
N VAL A 95 -0.18 -1.85 8.08
CA VAL A 95 -0.94 -0.65 7.81
C VAL A 95 -0.56 0.40 8.86
N THR A 96 -0.44 1.65 8.42
CA THR A 96 -0.18 2.76 9.33
C THR A 96 -1.02 3.94 8.90
N GLN A 97 -1.66 4.61 9.86
CA GLN A 97 -2.32 5.87 9.63
C GLN A 97 -1.57 6.97 10.36
N ARG A 98 -1.27 8.06 9.66
CA ARG A 98 -0.68 9.23 10.27
C ARG A 98 -1.66 10.39 10.20
N SER A 99 -1.77 11.13 11.30
CA SER A 99 -2.65 12.27 11.38
C SER A 99 -2.02 13.33 12.27
N HIS A 100 -1.95 14.57 11.77
CA HIS A 100 -1.36 15.64 12.56
C HIS A 100 -2.17 15.96 13.80
N LEU A 101 -3.41 15.47 13.88
CA LEU A 101 -4.32 15.70 14.98
C LEU A 101 -4.45 14.47 15.89
N LEU A 102 -4.55 13.27 15.32
CA LEU A 102 -4.77 12.05 16.08
C LEU A 102 -3.48 11.31 16.39
N GLY A 103 -2.41 11.56 15.65
CA GLY A 103 -1.11 10.98 15.92
C GLY A 103 -0.68 9.97 14.88
N TRP A 104 0.45 9.33 15.16
CA TRP A 104 0.99 8.25 14.34
C TRP A 104 0.45 6.93 14.90
N SER A 105 -0.41 6.26 14.13
CA SER A 105 -1.09 5.04 14.59
C SER A 105 -0.61 3.85 13.76
N SER A 106 0.38 3.13 14.29
CA SER A 106 0.88 1.93 13.64
C SER A 106 -0.10 0.78 13.82
N GLY A 107 -0.52 0.16 12.71
CA GLY A 107 -1.40 -0.97 12.78
C GLY A 107 -0.64 -2.26 13.03
N LYS A 108 -1.40 -3.35 13.03
CA LYS A 108 -0.80 -4.67 13.20
C LYS A 108 0.08 -5.02 12.01
N ALA A 109 1.18 -5.70 12.28
CA ALA A 109 2.14 -6.09 11.25
C ALA A 109 2.15 -7.61 11.09
N LEU A 110 2.27 -8.06 9.86
CA LEU A 110 2.34 -9.48 9.55
C LEU A 110 3.75 -9.81 9.08
N ASP A 111 4.39 -10.75 9.77
CA ASP A 111 5.72 -11.21 9.37
C ASP A 111 5.55 -12.33 8.34
N ILE A 112 6.44 -12.35 7.36
CA ILE A 112 6.36 -13.27 6.23
C ILE A 112 7.68 -13.99 6.10
N SER A 113 7.64 -15.32 6.15
CA SER A 113 8.86 -16.12 6.15
C SER A 113 9.45 -16.22 4.75
N ALA A 114 10.79 -16.18 4.67
CA ALA A 114 11.47 -16.45 3.42
C ALA A 114 11.18 -17.85 2.88
N THR A 115 10.80 -18.78 3.76
CA THR A 115 10.47 -20.14 3.35
C THR A 115 9.02 -20.30 2.92
N ALA A 116 8.17 -19.31 3.17
CA ALA A 116 6.78 -19.39 2.76
C ALA A 116 6.68 -19.43 1.24
N PRO A 117 5.58 -19.98 0.70
CA PRO A 117 5.41 -19.97 -0.76
C PRO A 117 5.45 -18.54 -1.29
N ASN A 118 6.19 -18.35 -2.38
CA ASN A 118 6.30 -17.03 -2.99
C ASN A 118 4.97 -16.64 -3.61
N ALA A 119 4.31 -15.64 -3.02
CA ALA A 119 3.01 -15.20 -3.47
C ALA A 119 2.86 -13.73 -3.12
N PRO A 120 2.04 -12.98 -3.86
CA PRO A 120 1.84 -11.57 -3.52
C PRO A 120 1.16 -11.41 -2.16
N VAL A 121 1.42 -10.27 -1.54
CA VAL A 121 0.78 -9.90 -0.29
C VAL A 121 -0.48 -9.13 -0.61
N HIS A 122 -1.60 -9.52 0.01
CA HIS A 122 -2.91 -8.93 -0.27
C HIS A 122 -3.28 -7.94 0.83
N PHE A 123 -3.17 -6.64 0.52
CA PHE A 123 -3.67 -5.57 1.36
C PHE A 123 -5.09 -5.20 0.95
N ARG A 124 -5.89 -4.77 1.92
CA ARG A 124 -7.22 -4.24 1.64
C ARG A 124 -7.53 -3.08 2.57
N ALA A 125 -8.11 -2.02 2.01
CA ALA A 125 -8.73 -0.95 2.78
C ALA A 125 -10.12 -0.74 2.23
N SER A 126 -11.12 -0.80 3.11
CA SER A 126 -12.52 -0.80 2.68
C SER A 126 -13.36 0.02 3.64
N LEU A 127 -14.14 0.95 3.09
CA LEU A 127 -15.00 1.80 3.90
C LEU A 127 -16.29 1.09 4.25
N ALA A 128 -16.65 1.13 5.53
CA ALA A 128 -17.96 0.69 5.99
C ALA A 128 -18.82 1.93 6.17
N PRO A 129 -19.62 2.30 5.17
CA PRO A 129 -20.29 3.61 5.23
C PRO A 129 -21.19 3.81 6.44
N SER A 130 -21.85 2.75 6.90
CA SER A 130 -22.70 2.86 8.09
C SER A 130 -21.84 3.13 9.32
N LEU A 131 -20.78 2.34 9.51
CA LEU A 131 -19.82 2.47 10.59
C LEU A 131 -18.97 3.74 10.53
N GLN A 132 -18.90 4.42 9.38
CA GLN A 132 -18.02 5.58 9.19
C GLN A 132 -16.56 5.26 9.50
N THR A 133 -16.18 4.00 9.29
CA THR A 133 -14.82 3.55 9.57
C THR A 133 -14.31 2.76 8.38
N TRP A 134 -12.99 2.65 8.30
CA TRP A 134 -12.31 1.91 7.24
C TRP A 134 -11.76 0.62 7.83
N TRP A 135 -12.20 -0.52 7.29
CA TRP A 135 -11.53 -1.79 7.54
C TRP A 135 -10.20 -1.80 6.81
N THR A 136 -9.14 -2.19 7.51
CA THR A 136 -7.80 -2.17 6.92
C THR A 136 -7.03 -3.42 7.33
N GLY A 137 -6.11 -3.83 6.46
CA GLY A 137 -5.17 -4.87 6.82
C GLY A 137 -5.08 -5.91 5.75
N LEU A 138 -4.68 -7.11 6.16
CA LEU A 138 -4.47 -8.23 5.26
C LEU A 138 -5.56 -9.26 5.46
N PRO A 139 -6.47 -9.45 4.50
CA PRO A 139 -7.59 -10.37 4.70
C PRO A 139 -7.12 -11.79 5.02
N ASN A 140 -7.91 -12.48 5.84
CA ASN A 140 -7.66 -13.86 6.25
C ASN A 140 -6.38 -14.01 7.08
N THR A 141 -5.90 -12.93 7.69
CA THR A 141 -4.78 -12.96 8.62
C THR A 141 -5.15 -12.19 9.89
N CYS A 142 -4.25 -12.22 10.87
CA CYS A 142 -4.44 -11.50 12.12
C CYS A 142 -4.20 -10.00 12.00
N ALA A 143 -3.49 -9.55 10.96
CA ALA A 143 -3.04 -8.16 10.87
C ALA A 143 -4.16 -7.30 10.28
N VAL A 144 -5.14 -7.00 11.14
CA VAL A 144 -6.36 -6.29 10.74
C VAL A 144 -6.77 -5.33 11.85
N GLN A 145 -7.28 -4.16 11.46
CA GLN A 145 -7.79 -3.17 12.40
C GLN A 145 -8.67 -2.20 11.64
N ARG A 146 -9.47 -1.44 12.38
CA ARG A 146 -10.32 -0.41 11.81
C ARG A 146 -9.77 0.97 12.15
N TYR A 147 -9.93 1.90 11.21
CA TYR A 147 -9.59 3.30 11.41
C TYR A 147 -10.82 4.15 11.12
N ASN A 148 -11.00 5.21 11.90
CA ASN A 148 -12.11 6.11 11.65
C ASN A 148 -11.90 6.86 10.34
N ALA A 149 -13.00 7.15 9.65
CA ALA A 149 -12.91 7.86 8.38
C ALA A 149 -12.38 9.27 8.62
N PRO A 150 -11.65 9.82 7.66
CA PRO A 150 -11.17 11.20 7.81
C PRO A 150 -12.26 12.21 7.47
N HIS A 151 -12.09 13.42 8.00
CA HIS A 151 -12.96 14.53 7.64
C HIS A 151 -13.03 14.77 6.14
N ASN A 152 -11.89 14.82 5.47
CA ASN A 152 -11.90 14.91 4.02
C ASN A 152 -11.79 13.51 3.44
N PRO A 153 -12.82 13.01 2.76
CA PRO A 153 -12.79 11.61 2.30
C PRO A 153 -11.64 11.36 1.35
N TYR A 154 -11.16 10.12 1.34
CA TYR A 154 -10.05 9.75 0.48
C TYR A 154 -10.44 9.92 -0.98
N LYS A 155 -9.59 10.61 -1.73
CA LYS A 155 -9.82 10.83 -3.16
C LYS A 155 -8.61 10.48 -4.01
N ILE A 156 -7.46 10.20 -3.40
CA ILE A 156 -6.21 9.94 -4.13
C ILE A 156 -5.59 8.65 -3.61
N VAL A 157 -5.20 7.78 -4.53
CA VAL A 157 -4.43 6.58 -4.21
C VAL A 157 -3.04 6.74 -4.81
N THR A 158 -2.02 6.54 -3.98
CA THR A 158 -0.63 6.75 -4.39
C THR A 158 0.14 5.45 -4.22
N LEU A 159 0.93 5.11 -5.23
CA LEU A 159 1.78 3.93 -5.21
C LEU A 159 3.23 4.40 -5.16
N THR A 160 3.96 3.96 -4.12
CA THR A 160 5.33 4.40 -3.90
C THR A 160 6.23 3.20 -3.73
N ALA A 161 7.43 3.25 -4.30
CA ALA A 161 8.41 2.20 -4.10
C ALA A 161 9.80 2.80 -4.17
N SER A 162 10.70 2.29 -3.32
CA SER A 162 12.08 2.75 -3.29
C SER A 162 13.00 1.93 -4.19
N GLY A 163 12.45 0.96 -4.90
CA GLY A 163 13.24 0.14 -5.79
C GLY A 163 12.33 -0.62 -6.72
N MET A 164 12.93 -1.51 -7.52
CA MET A 164 12.16 -2.31 -8.44
C MET A 164 11.08 -3.09 -7.68
N HIS A 165 9.86 -3.01 -8.16
CA HIS A 165 8.74 -3.65 -7.49
C HIS A 165 7.57 -3.77 -8.44
N THR A 166 6.79 -4.84 -8.28
CA THR A 166 5.57 -5.04 -9.03
C THR A 166 4.40 -5.19 -8.05
N TRP A 167 3.35 -4.40 -8.28
CA TRP A 167 2.04 -4.71 -7.72
C TRP A 167 1.29 -5.53 -8.77
N THR A 168 1.13 -6.82 -8.51
CA THR A 168 0.51 -7.69 -9.50
C THR A 168 -0.93 -7.29 -9.79
N LYS A 169 -1.61 -6.65 -8.83
CA LYS A 169 -2.99 -6.29 -9.02
C LYS A 169 -3.37 -5.15 -8.09
N LEU A 170 -4.17 -4.22 -8.60
CA LEU A 170 -4.69 -3.11 -7.81
C LEU A 170 -6.14 -2.89 -8.21
N VAL A 171 -7.04 -2.93 -7.23
CA VAL A 171 -8.48 -2.77 -7.48
C VAL A 171 -8.95 -1.59 -6.67
N ILE A 172 -9.38 -0.54 -7.36
CA ILE A 172 -9.84 0.70 -6.75
C ILE A 172 -11.33 0.84 -7.02
N MET A 173 -12.09 1.22 -6.01
CA MET A 173 -13.53 1.29 -6.16
C MET A 173 -14.02 2.65 -5.70
N LEU A 174 -14.97 3.21 -6.45
CA LEU A 174 -15.42 4.57 -6.28
C LEU A 174 -16.89 4.53 -5.86
N ASP A 175 -17.33 5.57 -5.16
CA ASP A 175 -18.75 5.64 -4.81
C ASP A 175 -19.62 6.11 -5.96
N ALA A 176 -19.02 6.50 -7.08
CA ALA A 176 -19.72 7.01 -8.24
C ALA A 176 -18.77 6.96 -9.42
N PRO A 177 -19.27 6.82 -10.65
CA PRO A 177 -18.37 6.72 -11.80
C PRO A 177 -17.67 8.04 -12.08
N GLU A 178 -16.42 7.95 -12.52
CA GLU A 178 -15.66 9.06 -13.07
C GLU A 178 -14.84 8.59 -14.26
N PRO A 179 -15.17 9.01 -15.47
CA PRO A 179 -14.36 8.57 -16.63
C PRO A 179 -12.97 9.16 -16.61
N SER A 180 -12.78 10.33 -15.99
CA SER A 180 -11.48 10.97 -15.93
C SER A 180 -10.49 10.20 -15.05
N PHE A 181 -10.98 9.39 -14.12
CA PHE A 181 -10.11 8.62 -13.24
C PHE A 181 -9.12 7.78 -14.04
N PHE A 182 -9.57 7.24 -15.17
CA PHE A 182 -8.71 6.42 -16.03
C PHE A 182 -7.44 7.16 -16.42
N LYS A 183 -7.56 8.44 -16.75
CA LYS A 183 -6.44 9.20 -17.29
C LYS A 183 -5.78 10.11 -16.26
N SER A 184 -6.21 10.07 -14.99
CA SER A 184 -5.59 10.91 -13.98
C SER A 184 -4.22 10.41 -13.55
N TRP A 185 -3.72 9.32 -14.14
CA TRP A 185 -2.44 8.75 -13.74
C TRP A 185 -1.33 9.77 -13.94
N SER A 186 -0.57 10.02 -12.88
CA SER A 186 0.53 10.97 -12.95
C SER A 186 1.54 10.61 -11.86
N CYS A 187 2.81 10.89 -12.13
CA CYS A 187 3.87 10.55 -11.20
C CYS A 187 4.64 11.80 -10.82
N GLU A 188 5.26 11.74 -9.65
CA GLU A 188 6.31 12.67 -9.26
C GLU A 188 7.63 11.94 -9.53
N TYR A 189 8.19 12.18 -10.70
CA TYR A 189 9.31 11.37 -11.18
C TYR A 189 10.60 11.75 -10.48
N ASN A 190 11.48 10.76 -10.30
CA ASN A 190 12.78 10.96 -9.67
C ASN A 190 13.94 10.73 -10.63
N ASP A 191 13.66 10.49 -11.92
CA ASP A 191 14.69 10.19 -12.91
C ASP A 191 15.55 8.99 -12.50
N SER A 192 14.96 8.05 -11.77
CA SER A 192 15.67 6.87 -11.31
C SER A 192 14.85 5.61 -11.59
N LEU A 193 13.56 5.65 -11.25
CA LEU A 193 12.62 4.59 -11.57
C LEU A 193 11.56 5.14 -12.52
N SER A 194 11.01 4.26 -13.35
CA SER A 194 9.93 4.65 -14.25
C SER A 194 8.85 3.57 -14.21
N PRO A 195 7.59 3.94 -14.43
CA PRO A 195 6.50 2.97 -14.27
C PRO A 195 6.03 2.38 -15.59
N VAL A 196 5.44 1.19 -15.50
CA VAL A 196 4.69 0.61 -16.61
C VAL A 196 3.58 -0.23 -16.02
N VAL A 197 2.41 -0.19 -16.66
CA VAL A 197 1.23 -0.91 -16.18
C VAL A 197 0.84 -1.94 -17.23
N GLY A 198 0.69 -3.19 -16.80
CA GLY A 198 0.40 -4.26 -17.75
C GLY A 198 -0.95 -4.09 -18.43
N ASN A 199 -1.98 -3.79 -17.63
CA ASN A 199 -3.31 -3.61 -18.19
C ASN A 199 -4.16 -2.88 -17.17
N ILE A 200 -5.09 -2.05 -17.68
CA ILE A 200 -6.07 -1.35 -16.87
C ILE A 200 -7.45 -1.60 -17.45
N GLN A 201 -8.39 -2.01 -16.59
CA GLN A 201 -9.76 -2.29 -16.99
C GLN A 201 -10.73 -1.55 -16.08
N VAL A 202 -11.95 -1.40 -16.56
CA VAL A 202 -13.02 -0.71 -15.84
C VAL A 202 -14.28 -1.57 -15.91
N SER A 203 -15.00 -1.65 -14.79
CA SER A 203 -16.22 -2.44 -14.73
C SER A 203 -17.32 -1.80 -15.57
N GLU A 204 -18.43 -2.53 -15.72
CA GLU A 204 -19.52 -2.05 -16.56
C GLU A 204 -20.13 -0.77 -16.00
N ASP A 205 -20.31 -0.70 -14.68
CA ASP A 205 -20.90 0.47 -14.07
C ASP A 205 -19.90 1.61 -13.88
N GLY A 206 -18.66 1.45 -14.33
CA GLY A 206 -17.67 2.49 -14.20
C GLY A 206 -17.22 2.81 -12.80
N LYS A 207 -17.44 1.88 -11.87
CA LYS A 207 -17.10 2.06 -10.46
C LYS A 207 -15.78 1.44 -10.05
N THR A 208 -15.35 0.37 -10.70
CA THR A 208 -14.23 -0.42 -10.23
C THR A 208 -13.15 -0.39 -11.30
N TYR A 209 -12.01 0.20 -10.97
CA TYR A 209 -10.85 0.24 -11.86
C TYR A 209 -9.86 -0.82 -11.40
N THR A 210 -9.35 -1.60 -12.35
CA THR A 210 -8.46 -2.71 -12.04
C THR A 210 -7.19 -2.57 -12.86
N LEU A 211 -6.06 -2.42 -12.18
CA LEU A 211 -4.76 -2.36 -12.82
C LEU A 211 -4.03 -3.68 -12.61
N THR A 212 -3.39 -4.17 -13.66
CA THR A 212 -2.67 -5.44 -13.64
C THR A 212 -1.19 -5.17 -13.87
N ASN A 213 -0.34 -5.71 -13.00
CA ASN A 213 1.11 -5.66 -13.15
C ASN A 213 1.63 -4.22 -13.25
N VAL A 214 1.45 -3.49 -12.16
CA VAL A 214 2.04 -2.15 -12.02
C VAL A 214 3.49 -2.35 -11.59
N LYS A 215 4.43 -1.98 -12.46
CA LYS A 215 5.84 -2.23 -12.20
C LYS A 215 6.62 -0.92 -12.18
N TYR A 216 7.37 -0.70 -11.12
CA TYR A 216 8.37 0.36 -11.05
C TYR A 216 9.72 -0.30 -11.28
N GLN A 217 10.46 0.18 -12.29
CA GLN A 217 11.74 -0.44 -12.60
C GLN A 217 12.79 0.63 -12.81
N PRO A 218 14.06 0.30 -12.58
CA PRO A 218 15.12 1.30 -12.77
C PRO A 218 15.23 1.71 -14.23
N ILE A 219 15.46 3.01 -14.44
CA ILE A 219 15.65 3.52 -15.79
C ILE A 219 16.98 3.03 -16.35
N LEU A 220 18.07 3.33 -15.66
CA LEU A 220 19.40 2.88 -16.06
C LEU A 220 19.77 1.58 -15.34
#